data_5GNB
#
_entry.id   5GNB
#
_cell.length_a   86.720
_cell.length_b   183.990
_cell.length_c   63.160
_cell.angle_alpha   90.00
_cell.angle_beta   90.00
_cell.angle_gamma   90.00
#
_symmetry.space_group_name_H-M   'C 2 2 21'
#
loop_
_entity.id
_entity.type
_entity.pdbx_description
1 polymer 'Spike glycoprotein'
2 non-polymer 2-acetamido-2-deoxy-beta-D-glucopyranose
3 water water
#
_entity_poly.entity_id   1
_entity_poly.type   'polypeptide(L)'
_entity_poly.pdbx_seq_one_letter_code
;SGFTVKPVATVHRRIPDLPDCDIDKWLNNFNVPSPLNWERKIFSNCNFNLSTLLRLVHTDSFSCNNFDESKIYGSCFKSI
VLDKFAIPNSRRSDLQLGSSGFLQSSNYKIDTTSSSCQLYYSLPAINVTINNYNPSSWNRRYGFNNFNLSSHSVVYSRYC
FSVNNTFCPCAKPSFASSCKSHKPPSASCPIGTNYRSCESTTVLDHTDWCRCSCLPDPITAYDPRSCSQKKSLVGVGEHC
AGFGVDEEKCGVLDGSYNVSCLCSTDAFLGWSYDTCVSNNRCNIFSNFILNGINSGTTCSNDLLQPNTEVFTDVCVDYDL
YGITGQGIFKEVSAVYYNSWQNLLYDSNGNIIGFKDFVTNKTYNIFPCYAG
;
_entity_poly.pdbx_strand_id   A
#
loop_
_chem_comp.id
_chem_comp.type
_chem_comp.name
_chem_comp.formula
NAG D-saccharide, beta linking 2-acetamido-2-deoxy-beta-D-glucopyranose 'C8 H15 N O6'
#
# COMPACT_ATOMS: atom_id res chain seq x y z
N VAL A 5 22.41 -6.56 -12.08
CA VAL A 5 21.20 -7.30 -12.41
C VAL A 5 21.54 -8.78 -12.62
N LYS A 6 20.73 -9.65 -12.03
CA LYS A 6 20.88 -11.08 -12.24
C LYS A 6 20.68 -11.41 -13.72
N PRO A 7 21.55 -12.21 -14.33
CA PRO A 7 21.40 -12.48 -15.76
C PRO A 7 20.33 -13.54 -16.04
N VAL A 8 19.72 -13.41 -17.22
CA VAL A 8 18.77 -14.41 -17.68
C VAL A 8 19.46 -15.77 -17.78
N ALA A 9 18.72 -16.84 -17.49
CA ALA A 9 19.29 -18.17 -17.48
C ALA A 9 19.64 -18.62 -18.89
N THR A 10 20.74 -19.37 -19.00
CA THR A 10 21.20 -19.82 -20.32
C THR A 10 20.13 -20.64 -21.02
N VAL A 11 19.41 -21.48 -20.29
CA VAL A 11 18.27 -22.21 -20.83
C VAL A 11 17.03 -21.75 -20.08
N HIS A 12 16.13 -21.06 -20.78
CA HIS A 12 14.95 -20.48 -20.17
C HIS A 12 13.71 -20.89 -20.94
N ARG A 13 12.69 -21.32 -20.22
CA ARG A 13 11.39 -21.64 -20.83
CA ARG A 13 11.39 -21.63 -20.83
C ARG A 13 10.29 -21.10 -19.93
N ARG A 14 9.34 -20.40 -20.54
CA ARG A 14 8.21 -19.88 -19.79
C ARG A 14 7.12 -20.93 -19.70
N ILE A 15 6.30 -20.77 -18.67
CA ILE A 15 5.09 -21.59 -18.55
C ILE A 15 4.13 -21.19 -19.66
N PRO A 16 3.56 -22.13 -20.42
CA PRO A 16 2.59 -21.74 -21.45
C PRO A 16 1.19 -21.62 -20.87
N ASP A 17 0.38 -20.81 -21.54
CA ASP A 17 -1.04 -20.67 -21.22
C ASP A 17 -1.27 -20.10 -19.83
N LEU A 18 -0.46 -19.12 -19.43
CA LEU A 18 -0.81 -18.35 -18.24
C LEU A 18 -1.85 -17.28 -18.59
N PRO A 19 -2.70 -16.91 -17.64
CA PRO A 19 -3.64 -15.82 -17.89
C PRO A 19 -2.92 -14.48 -18.04
N ASP A 20 -3.62 -13.55 -18.69
CA ASP A 20 -3.15 -12.17 -18.74
C ASP A 20 -3.26 -11.53 -17.36
N CYS A 21 -2.31 -10.65 -17.04
CA CYS A 21 -2.32 -10.01 -15.72
C CYS A 21 -3.46 -8.98 -15.61
N ASP A 22 -3.87 -8.38 -16.72
CA ASP A 22 -4.92 -7.36 -16.71
C ASP A 22 -4.59 -6.21 -15.77
N ILE A 23 -3.35 -5.75 -15.82
CA ILE A 23 -2.97 -4.59 -15.00
C ILE A 23 -3.80 -3.37 -15.40
N ASP A 24 -4.03 -3.18 -16.70
CA ASP A 24 -4.76 -2.00 -17.16
C ASP A 24 -6.17 -1.96 -16.59
N LYS A 25 -6.81 -3.13 -16.46
CA LYS A 25 -8.17 -3.16 -15.94
C LYS A 25 -8.20 -2.69 -14.50
N TRP A 26 -7.15 -3.00 -13.75
CA TRP A 26 -7.12 -2.60 -12.36
C TRP A 26 -6.82 -1.11 -12.22
N LEU A 27 -5.91 -0.58 -13.04
CA LEU A 27 -5.60 0.84 -12.96
C LEU A 27 -6.79 1.69 -13.40
N ASN A 28 -7.58 1.22 -14.36
CA ASN A 28 -8.69 1.98 -14.91
C ASN A 28 -9.99 1.79 -14.16
N ASN A 29 -9.99 1.01 -13.08
CA ASN A 29 -11.17 0.90 -12.24
C ASN A 29 -11.65 2.28 -11.82
N PHE A 30 -12.94 2.54 -12.05
CA PHE A 30 -13.48 3.87 -11.81
C PHE A 30 -13.58 4.22 -10.33
N ASN A 31 -13.53 3.22 -9.44
CA ASN A 31 -13.52 3.47 -8.00
C ASN A 31 -12.07 3.71 -7.59
N VAL A 32 -11.70 4.97 -7.42
CA VAL A 32 -10.30 5.34 -7.28
C VAL A 32 -10.06 5.73 -5.82
N PRO A 33 -9.06 5.14 -5.16
CA PRO A 33 -8.81 5.50 -3.76
C PRO A 33 -7.96 6.74 -3.64
N SER A 34 -8.11 7.42 -2.50
CA SER A 34 -7.26 8.52 -2.12
C SER A 34 -5.94 7.99 -1.58
N PRO A 35 -4.89 8.82 -1.55
CA PRO A 35 -3.63 8.35 -0.95
C PRO A 35 -3.78 7.90 0.50
N LEU A 36 -4.80 8.42 1.22
CA LEU A 36 -5.00 8.00 2.60
C LEU A 36 -5.24 6.49 2.69
N ASN A 37 -6.12 5.97 1.84
CA ASN A 37 -6.37 4.53 1.73
C ASN A 37 -5.80 3.92 0.45
N TRP A 38 -4.52 4.15 0.16
CA TRP A 38 -3.93 3.61 -1.06
C TRP A 38 -4.13 2.10 -1.17
N GLU A 39 -4.47 1.67 -2.37
CA GLU A 39 -4.77 0.28 -2.66
C GLU A 39 -3.58 -0.41 -3.32
N ARG A 40 -3.40 -1.68 -2.98
CA ARG A 40 -2.29 -2.50 -3.48
C ARG A 40 -2.82 -3.77 -4.11
N LYS A 41 -2.30 -4.11 -5.29
CA LYS A 41 -2.55 -5.41 -5.90
C LYS A 41 -1.23 -6.02 -6.37
N ILE A 42 -1.03 -7.28 -6.03
CA ILE A 42 0.17 -8.02 -6.41
C ILE A 42 -0.13 -8.87 -7.63
N PHE A 43 0.68 -8.72 -8.68
CA PHE A 43 0.52 -9.48 -9.92
C PHE A 43 1.61 -10.53 -10.00
N SER A 44 1.21 -11.78 -10.20
CA SER A 44 2.14 -12.90 -10.23
C SER A 44 1.63 -13.94 -11.19
N ASN A 45 2.57 -14.70 -11.75
CA ASN A 45 2.23 -15.90 -12.52
C ASN A 45 1.27 -15.56 -13.64
N CYS A 46 1.64 -14.57 -14.45
CA CYS A 46 0.76 -14.07 -15.49
C CYS A 46 1.57 -13.25 -16.48
N ASN A 47 0.97 -13.00 -17.63
CA ASN A 47 1.66 -12.28 -18.69
C ASN A 47 1.11 -10.87 -18.81
N PHE A 48 2.01 -9.91 -18.91
CA PHE A 48 1.64 -8.51 -19.09
C PHE A 48 2.32 -7.95 -20.33
N ASN A 49 1.73 -6.86 -20.82
CA ASN A 49 2.23 -6.10 -21.98
C ASN A 49 2.38 -4.64 -21.56
N LEU A 50 3.61 -4.21 -21.30
CA LEU A 50 3.83 -2.81 -20.91
C LEU A 50 3.42 -1.85 -22.01
N SER A 51 3.73 -2.16 -23.28
CA SER A 51 3.39 -1.21 -24.34
C SER A 51 1.88 -1.06 -24.45
N THR A 52 1.15 -2.17 -24.38
CA THR A 52 -0.30 -2.10 -24.38
C THR A 52 -0.79 -1.32 -23.17
N LEU A 53 -0.18 -1.55 -22.02
CA LEU A 53 -0.60 -0.89 -20.79
C LEU A 53 -0.55 0.63 -20.94
N LEU A 54 0.60 1.15 -21.38
CA LEU A 54 0.79 2.58 -21.52
C LEU A 54 -0.20 3.20 -22.50
N ARG A 55 -0.73 2.44 -23.46
CA ARG A 55 -1.73 2.97 -24.37
C ARG A 55 -3.15 2.92 -23.80
N LEU A 56 -3.48 1.89 -23.02
CA LEU A 56 -4.85 1.72 -22.55
C LEU A 56 -5.16 2.55 -21.32
N VAL A 57 -4.16 2.95 -20.55
CA VAL A 57 -4.34 3.95 -19.52
C VAL A 57 -3.81 5.28 -20.08
N HIS A 58 -4.64 6.31 -20.05
CA HIS A 58 -4.30 7.62 -20.59
C HIS A 58 -3.04 8.13 -19.89
N THR A 59 -1.88 7.62 -20.30
CA THR A 59 -0.64 7.89 -19.59
C THR A 59 -0.14 9.30 -19.85
N ASP A 60 0.24 9.99 -18.78
N ASP A 60 0.23 10.00 -18.78
CA ASP A 60 0.93 11.27 -18.92
CA ASP A 60 0.90 11.29 -18.88
C ASP A 60 2.44 11.15 -18.77
C ASP A 60 2.43 11.16 -18.77
N SER A 61 2.91 10.35 -17.82
CA SER A 61 4.34 10.08 -17.76
C SER A 61 4.60 8.77 -17.03
N PHE A 62 5.79 8.24 -17.27
CA PHE A 62 6.17 6.92 -16.80
C PHE A 62 7.68 6.88 -16.78
N SER A 63 8.25 6.58 -15.61
CA SER A 63 9.69 6.51 -15.46
C SER A 63 10.00 5.47 -14.38
N CYS A 64 11.26 5.07 -14.32
CA CYS A 64 11.69 4.03 -13.42
C CYS A 64 12.88 4.51 -12.61
N ASN A 65 13.01 3.96 -11.41
CA ASN A 65 14.07 4.30 -10.49
C ASN A 65 14.78 3.01 -10.08
N ASN A 66 16.11 3.05 -10.08
CA ASN A 66 16.95 1.86 -9.87
C ASN A 66 16.64 0.78 -10.91
N PHE A 67 16.15 1.18 -12.07
CA PHE A 67 15.82 0.21 -13.11
C PHE A 67 15.73 0.95 -14.44
N ASP A 68 16.14 0.27 -15.50
CA ASP A 68 16.11 0.79 -16.86
C ASP A 68 14.76 0.43 -17.46
N GLU A 69 13.92 1.44 -17.69
CA GLU A 69 12.57 1.19 -18.19
C GLU A 69 12.59 0.29 -19.43
N SER A 70 13.52 0.51 -20.35
CA SER A 70 13.53 -0.25 -21.60
C SER A 70 13.85 -1.73 -21.40
N LYS A 71 14.34 -2.12 -20.23
CA LYS A 71 14.64 -3.52 -19.96
C LYS A 71 13.41 -4.31 -19.52
N ILE A 72 12.28 -3.63 -19.26
CA ILE A 72 11.07 -4.36 -18.85
C ILE A 72 10.56 -5.21 -20.00
N TYR A 73 10.51 -4.63 -21.20
CA TYR A 73 10.00 -5.33 -22.37
C TYR A 73 10.70 -6.68 -22.51
N GLY A 74 9.91 -7.75 -22.54
CA GLY A 74 10.44 -9.09 -22.70
C GLY A 74 10.95 -9.77 -21.45
N SER A 75 10.98 -9.09 -20.31
CA SER A 75 11.59 -9.65 -19.11
C SER A 75 10.57 -10.43 -18.26
N CYS A 76 11.09 -11.20 -17.32
CA CYS A 76 10.31 -11.93 -16.35
C CYS A 76 10.65 -11.47 -14.94
N PHE A 77 9.64 -11.51 -14.07
CA PHE A 77 9.74 -11.05 -12.69
C PHE A 77 9.06 -12.05 -11.77
N LYS A 78 9.52 -12.12 -10.52
CA LYS A 78 8.80 -12.92 -9.53
C LYS A 78 7.42 -12.33 -9.27
N SER A 79 7.32 -11.01 -9.18
CA SER A 79 6.02 -10.37 -9.00
C SER A 79 6.14 -8.89 -9.29
N ILE A 80 4.99 -8.29 -9.62
CA ILE A 80 4.87 -6.85 -9.82
C ILE A 80 3.80 -6.35 -8.86
N VAL A 81 4.22 -5.55 -7.87
CA VAL A 81 3.33 -4.99 -6.86
C VAL A 81 2.97 -3.57 -7.27
N LEU A 82 1.67 -3.31 -7.47
CA LEU A 82 1.16 -2.01 -7.85
C LEU A 82 0.44 -1.34 -6.69
N ASP A 83 0.78 -0.07 -6.45
CA ASP A 83 0.07 0.78 -5.51
C ASP A 83 -0.49 1.96 -6.29
N LYS A 84 -1.73 2.35 -5.98
CA LYS A 84 -2.37 3.43 -6.70
C LYS A 84 -3.18 4.31 -5.77
N PHE A 85 -3.43 5.53 -6.24
CA PHE A 85 -4.34 6.49 -5.61
C PHE A 85 -4.48 7.76 -6.45
N ALA A 86 -5.63 8.42 -6.34
CA ALA A 86 -5.84 9.72 -6.97
C ALA A 86 -4.92 10.77 -6.34
N ILE A 87 -4.57 11.77 -7.14
CA ILE A 87 -3.64 12.82 -6.74
C ILE A 87 -4.43 14.09 -6.47
N PRO A 88 -4.47 14.60 -5.24
CA PRO A 88 -5.01 15.94 -5.01
C PRO A 88 -4.13 16.97 -5.69
N ASN A 89 -4.73 17.85 -6.51
CA ASN A 89 -3.97 18.76 -7.38
C ASN A 89 -2.87 19.46 -6.59
N SER A 90 -3.21 20.00 -5.42
CA SER A 90 -2.24 20.75 -4.62
C SER A 90 -1.08 19.88 -4.10
N ARG A 91 -1.14 18.56 -4.21
CA ARG A 91 -0.13 17.69 -3.61
C ARG A 91 0.83 17.05 -4.61
N ARG A 92 0.73 17.38 -5.90
CA ARG A 92 1.46 16.65 -6.94
C ARG A 92 2.96 16.60 -6.67
N SER A 93 3.56 17.72 -6.25
CA SER A 93 5.01 17.75 -6.01
C SER A 93 5.43 16.99 -4.76
N ASP A 94 4.48 16.60 -3.89
CA ASP A 94 4.78 15.66 -2.81
C ASP A 94 5.27 14.32 -3.32
N LEU A 95 4.99 13.96 -4.59
CA LEU A 95 5.29 12.63 -5.07
C LEU A 95 6.68 12.52 -5.67
N GLN A 96 7.47 13.59 -5.66
CA GLN A 96 8.85 13.44 -6.06
C GLN A 96 9.56 12.53 -5.07
N LEU A 97 10.46 11.72 -5.60
CA LEU A 97 11.16 10.77 -4.77
C LEU A 97 11.92 11.50 -3.66
N GLY A 98 11.77 11.00 -2.44
CA GLY A 98 12.43 11.53 -1.28
C GLY A 98 11.77 12.74 -0.64
N SER A 99 10.62 13.18 -1.15
CA SER A 99 9.97 14.39 -0.66
C SER A 99 9.43 14.21 0.76
N SER A 100 9.58 15.25 1.56
CA SER A 100 9.09 15.27 2.93
C SER A 100 7.69 15.87 3.06
N GLY A 101 7.01 16.15 1.94
CA GLY A 101 5.69 16.74 1.99
C GLY A 101 4.64 15.85 2.61
N PHE A 102 3.39 16.28 2.54
CA PHE A 102 2.33 15.61 3.28
C PHE A 102 2.05 14.20 2.76
N LEU A 103 2.03 14.02 1.43
CA LEU A 103 1.61 12.72 0.91
C LEU A 103 2.54 11.62 1.38
N GLN A 104 3.84 11.89 1.43
CA GLN A 104 4.77 10.82 1.79
C GLN A 104 5.12 10.84 3.27
N SER A 105 4.86 11.94 3.96
CA SER A 105 5.05 11.98 5.40
C SER A 105 3.96 11.21 6.12
N SER A 106 2.80 11.10 5.51
CA SER A 106 1.59 10.77 6.26
C SER A 106 0.55 9.97 5.50
N ASN A 107 0.82 9.57 4.25
CA ASN A 107 -0.14 8.76 3.51
C ASN A 107 0.53 7.57 2.83
N TYR A 108 1.52 7.83 1.97
CA TYR A 108 2.17 6.80 1.17
C TYR A 108 3.61 7.23 0.92
N LYS A 109 4.56 6.42 1.38
CA LYS A 109 5.97 6.70 1.21
C LYS A 109 6.52 5.87 0.05
N ILE A 110 7.04 6.53 -0.98
CA ILE A 110 7.60 5.82 -2.12
C ILE A 110 8.94 5.23 -1.72
N ASP A 111 9.05 3.91 -1.79
CA ASP A 111 10.31 3.23 -1.55
C ASP A 111 11.33 3.63 -2.62
N THR A 112 12.47 4.18 -2.19
CA THR A 112 13.48 4.61 -3.12
C THR A 112 14.61 3.59 -3.29
N THR A 113 14.64 2.52 -2.47
CA THR A 113 15.71 1.54 -2.55
C THR A 113 15.39 0.37 -3.47
N SER A 114 14.12 0.11 -3.71
CA SER A 114 13.68 -0.96 -4.58
C SER A 114 13.73 -0.51 -6.04
N SER A 115 13.58 -1.48 -6.93
CA SER A 115 13.41 -1.23 -8.36
C SER A 115 11.94 -0.91 -8.61
N SER A 116 11.67 0.29 -9.11
CA SER A 116 10.29 0.74 -9.17
C SER A 116 10.07 1.68 -10.35
N CYS A 117 8.80 1.81 -10.71
CA CYS A 117 8.39 2.76 -11.73
CA CYS A 117 8.34 2.72 -11.75
C CYS A 117 7.14 3.48 -11.24
N GLN A 118 7.07 4.78 -11.57
CA GLN A 118 5.95 5.61 -11.17
C GLN A 118 5.19 6.01 -12.42
N LEU A 119 3.90 5.66 -12.44
CA LEU A 119 3.01 5.95 -13.55
C LEU A 119 2.09 7.09 -13.16
N TYR A 120 2.03 8.11 -14.01
CA TYR A 120 1.07 9.19 -13.87
C TYR A 120 0.09 9.08 -15.02
N TYR A 121 -1.19 8.93 -14.69
CA TYR A 121 -2.23 8.66 -15.67
C TYR A 121 -3.52 9.32 -15.21
N SER A 122 -4.57 9.18 -16.01
CA SER A 122 -5.83 9.82 -15.67
C SER A 122 -7.00 9.04 -16.25
N LEU A 123 -8.16 9.30 -15.68
CA LEU A 123 -9.42 8.68 -16.05
C LEU A 123 -10.44 9.78 -16.27
N PRO A 124 -11.47 9.54 -17.09
CA PRO A 124 -12.46 10.59 -17.32
C PRO A 124 -13.21 10.89 -16.03
N ALA A 125 -13.31 12.18 -15.71
CA ALA A 125 -13.83 12.57 -14.39
C ALA A 125 -15.26 12.09 -14.20
N ILE A 126 -16.09 12.16 -15.25
CA ILE A 126 -17.51 11.86 -15.12
CA ILE A 126 -17.51 11.86 -15.12
C ILE A 126 -17.75 10.43 -14.69
N ASN A 127 -16.79 9.54 -14.90
CA ASN A 127 -16.93 8.13 -14.55
C ASN A 127 -16.22 7.77 -13.26
N VAL A 128 -15.47 8.69 -12.67
CA VAL A 128 -14.66 8.41 -11.49
C VAL A 128 -15.42 8.80 -10.23
N THR A 129 -15.46 7.90 -9.26
CA THR A 129 -15.91 8.19 -7.90
C THR A 129 -14.74 7.96 -6.96
N ILE A 130 -14.40 8.95 -6.18
CA ILE A 130 -13.29 8.80 -5.24
C ILE A 130 -13.76 8.03 -4.02
N ASN A 131 -12.94 7.08 -3.59
CA ASN A 131 -13.15 6.32 -2.37
C ASN A 131 -12.21 6.88 -1.31
N ASN A 132 -12.75 7.73 -0.43
CA ASN A 132 -12.02 8.23 0.73
C ASN A 132 -12.37 7.35 1.92
N TYR A 133 -11.37 6.68 2.49
CA TYR A 133 -11.60 5.72 3.55
C TYR A 133 -10.50 5.90 4.59
N ASN A 134 -10.90 6.06 5.86
CA ASN A 134 -9.98 6.23 6.97
C ASN A 134 -9.44 4.88 7.39
N PRO A 135 -8.14 4.63 7.23
CA PRO A 135 -7.58 3.31 7.48
C PRO A 135 -7.25 3.03 8.94
N SER A 136 -7.43 3.99 9.83
CA SER A 136 -6.98 3.87 11.22
C SER A 136 -8.06 3.18 12.06
N SER A 137 -7.71 2.01 12.61
CA SER A 137 -8.67 1.29 13.44
C SER A 137 -9.02 2.06 14.71
N TRP A 138 -8.03 2.67 15.36
CA TRP A 138 -8.33 3.40 16.58
C TRP A 138 -9.24 4.60 16.32
N ASN A 139 -8.99 5.37 15.25
CA ASN A 139 -9.93 6.44 14.89
C ASN A 139 -11.34 5.89 14.77
N ARG A 140 -11.48 4.78 14.06
CA ARG A 140 -12.80 4.22 13.82
C ARG A 140 -13.42 3.72 15.13
N ARG A 141 -12.59 3.21 16.02
CA ARG A 141 -13.09 2.70 17.29
CA ARG A 141 -13.09 2.70 17.30
C ARG A 141 -13.75 3.79 18.12
N TYR A 142 -13.29 5.04 17.99
CA TYR A 142 -13.79 6.14 18.80
C TYR A 142 -14.60 7.15 17.99
N GLY A 143 -15.24 6.70 16.93
CA GLY A 143 -16.29 7.50 16.29
C GLY A 143 -16.07 7.91 14.83
N PHE A 144 -14.92 7.72 14.19
CA PHE A 144 -14.80 8.14 12.79
C PHE A 144 -15.53 7.14 11.91
N ASN A 145 -16.53 7.59 11.16
CA ASN A 145 -17.27 6.73 10.24
CA ASN A 145 -17.27 6.73 10.24
C ASN A 145 -16.87 7.01 8.80
N ASN A 146 -17.30 8.14 8.23
CA ASN A 146 -17.05 8.45 6.83
C ASN A 146 -16.65 9.90 6.67
N PHE A 147 -16.21 10.23 5.47
CA PHE A 147 -16.09 11.61 5.03
C PHE A 147 -17.38 12.01 4.34
N ASN A 148 -17.69 13.30 4.38
CA ASN A 148 -18.85 13.88 3.70
C ASN A 148 -18.32 14.97 2.76
N LEU A 149 -17.88 14.56 1.56
CA LEU A 149 -17.16 15.48 0.68
C LEU A 149 -17.70 15.48 -0.74
N SER A 150 -17.50 16.62 -1.41
CA SER A 150 -17.85 16.83 -2.81
C SER A 150 -17.34 15.70 -3.68
N SER A 151 -17.98 15.48 -4.84
CA SER A 151 -17.45 14.50 -5.78
C SER A 151 -16.11 14.97 -6.31
N HIS A 152 -15.16 14.03 -6.41
CA HIS A 152 -13.78 14.23 -6.85
C HIS A 152 -12.90 14.89 -5.80
N SER A 153 -13.39 15.13 -4.60
CA SER A 153 -12.52 15.55 -3.51
C SER A 153 -11.69 14.36 -3.04
N VAL A 154 -10.39 14.58 -2.85
CA VAL A 154 -9.46 13.52 -2.50
C VAL A 154 -8.82 13.87 -1.16
N VAL A 155 -9.03 13.02 -0.16
CA VAL A 155 -8.50 13.25 1.18
C VAL A 155 -7.00 13.00 1.21
N TYR A 156 -6.30 13.76 2.05
CA TYR A 156 -4.95 13.42 2.46
C TYR A 156 -4.74 13.85 3.90
N SER A 157 -4.00 13.03 4.63
CA SER A 157 -3.59 13.37 5.98
C SER A 157 -2.36 14.27 5.95
N ARG A 158 -2.35 15.26 6.83
CA ARG A 158 -1.15 16.05 7.06
C ARG A 158 -0.27 15.44 8.12
N TYR A 159 -0.90 14.95 9.19
CA TYR A 159 -0.22 14.43 10.38
C TYR A 159 -0.92 13.15 10.86
N CYS A 160 -0.12 12.13 11.17
CA CYS A 160 -0.69 10.89 11.68
CA CYS A 160 -0.62 10.85 11.68
C CYS A 160 -0.28 10.72 13.14
N PHE A 161 -1.15 10.08 13.89
CA PHE A 161 -0.90 9.78 15.29
C PHE A 161 -1.19 8.32 15.58
N SER A 162 -0.29 7.70 16.32
CA SER A 162 -0.46 6.34 16.79
C SER A 162 -0.78 6.34 18.28
N VAL A 163 -1.54 5.33 18.70
CA VAL A 163 -1.84 5.08 20.11
C VAL A 163 -1.64 3.61 20.41
N ASN A 164 -1.35 3.29 21.67
CA ASN A 164 -1.29 1.90 22.09
C ASN A 164 -2.71 1.42 22.44
N ASN A 165 -2.84 0.12 22.74
CA ASN A 165 -4.18 -0.47 22.76
C ASN A 165 -4.97 -0.14 24.01
N THR A 166 -4.37 0.51 25.00
CA THR A 166 -5.13 0.98 26.15
C THR A 166 -5.66 2.40 25.97
N PHE A 167 -5.48 2.99 24.79
CA PHE A 167 -5.88 4.38 24.57
C PHE A 167 -7.39 4.55 24.68
N CYS A 168 -7.80 5.61 25.39
CA CYS A 168 -9.17 6.10 25.38
C CYS A 168 -9.04 7.62 25.42
N PRO A 169 -9.74 8.35 24.54
CA PRO A 169 -9.66 9.81 24.55
C PRO A 169 -10.61 10.54 25.51
N CYS A 170 -11.46 9.86 26.27
CA CYS A 170 -12.45 10.55 27.11
C CYS A 170 -11.99 10.65 28.57
N ALA A 171 -12.32 11.78 29.19
CA ALA A 171 -12.09 11.96 30.62
C ALA A 171 -13.02 11.09 31.47
N LYS A 172 -12.54 10.71 32.63
CA LYS A 172 -13.31 9.84 33.51
C LYS A 172 -14.45 10.63 34.12
N PRO A 173 -15.70 10.16 34.03
CA PRO A 173 -16.81 10.92 34.59
C PRO A 173 -16.65 11.27 36.08
N SER A 174 -16.06 10.38 36.87
CA SER A 174 -15.84 10.70 38.28
C SER A 174 -14.87 11.86 38.44
N PHE A 175 -13.87 11.94 37.55
CA PHE A 175 -12.97 13.08 37.63
C PHE A 175 -13.69 14.36 37.23
N ALA A 176 -14.54 14.29 36.21
CA ALA A 176 -15.13 15.49 35.66
C ALA A 176 -16.18 16.08 36.59
N SER A 177 -16.75 15.26 37.47
CA SER A 177 -17.94 15.67 38.23
C SER A 177 -17.65 16.78 39.23
N SER A 178 -16.40 16.98 39.63
CA SER A 178 -16.06 18.03 40.58
C SER A 178 -15.29 19.19 39.94
N CYS A 179 -15.09 19.19 38.63
CA CYS A 179 -14.50 20.33 37.93
C CYS A 179 -15.45 21.51 37.91
N LYS A 180 -14.94 22.70 38.22
CA LYS A 180 -15.68 23.95 38.07
C LYS A 180 -15.16 24.86 36.97
N SER A 181 -13.85 24.86 36.74
CA SER A 181 -13.25 25.61 35.65
C SER A 181 -12.67 24.64 34.63
N HIS A 182 -13.17 24.73 33.41
CA HIS A 182 -12.69 23.94 32.27
C HIS A 182 -13.02 22.46 32.48
N LYS A 183 -14.24 22.17 32.88
CA LYS A 183 -14.70 20.80 32.98
C LYS A 183 -14.52 20.11 31.63
N PRO A 184 -13.85 18.96 31.58
CA PRO A 184 -13.73 18.24 30.31
C PRO A 184 -14.98 17.41 30.05
N PRO A 185 -15.32 17.14 28.79
CA PRO A 185 -16.34 16.13 28.52
C PRO A 185 -15.85 14.75 28.94
N SER A 186 -16.81 13.88 29.27
CA SER A 186 -16.48 12.61 29.90
C SER A 186 -17.43 11.53 29.41
N ALA A 187 -17.01 10.28 29.61
CA ALA A 187 -17.79 9.11 29.22
C ALA A 187 -17.03 7.90 29.75
N SER A 188 -17.68 6.74 29.66
CA SER A 188 -16.99 5.52 30.07
C SER A 188 -16.05 5.09 28.96
N CYS A 189 -14.96 4.65 29.33
CA CYS A 189 -13.99 4.09 28.41
C CYS A 189 -14.15 2.58 28.33
N PRO A 190 -13.77 1.93 27.23
CA PRO A 190 -13.89 0.47 27.17
C PRO A 190 -13.04 -0.22 28.23
N ILE A 191 -13.54 -1.37 28.70
CA ILE A 191 -12.80 -2.16 29.68
C ILE A 191 -11.44 -2.50 29.10
N GLY A 192 -10.40 -2.33 29.89
CA GLY A 192 -9.05 -2.54 29.42
C GLY A 192 -8.37 -1.32 28.83
N THR A 193 -9.00 -0.14 28.90
CA THR A 193 -8.38 1.11 28.46
C THR A 193 -8.29 2.08 29.63
N ASN A 194 -7.33 2.99 29.55
CA ASN A 194 -7.14 4.01 30.57
C ASN A 194 -7.86 5.28 30.16
N TYR A 195 -8.58 5.86 31.13
CA TYR A 195 -9.16 7.17 30.95
C TYR A 195 -8.09 8.20 30.61
N ARG A 196 -8.50 9.18 29.84
CA ARG A 196 -7.69 10.36 29.59
C ARG A 196 -7.06 10.86 30.88
N SER A 197 -5.77 11.20 30.81
CA SER A 197 -5.04 11.70 31.96
C SER A 197 -5.44 13.15 32.24
N CYS A 198 -5.91 13.41 33.46
CA CYS A 198 -6.46 14.69 33.85
C CYS A 198 -6.03 15.04 35.27
N GLU A 199 -5.92 16.35 35.53
CA GLU A 199 -5.50 16.85 36.83
C GLU A 199 -6.35 18.05 37.22
N SER A 200 -6.71 18.11 38.49
CA SER A 200 -7.41 19.26 39.05
C SER A 200 -6.45 20.00 39.97
N THR A 201 -6.42 21.31 39.85
CA THR A 201 -5.57 22.11 40.73
C THR A 201 -6.28 23.39 41.11
N THR A 202 -5.69 24.03 42.09
CA THR A 202 -6.05 25.36 42.49
C THR A 202 -5.18 26.34 41.71
N VAL A 203 -5.75 27.50 41.42
CA VAL A 203 -4.97 28.55 40.79
C VAL A 203 -5.80 29.81 40.78
N LEU A 204 -5.32 30.82 41.50
CA LEU A 204 -5.87 32.17 41.50
C LEU A 204 -7.40 32.22 41.49
N ASP A 205 -8.02 31.71 42.53
CA ASP A 205 -9.46 31.79 42.77
C ASP A 205 -10.22 30.82 41.91
N HIS A 206 -9.55 29.99 41.12
CA HIS A 206 -10.17 28.81 40.53
C HIS A 206 -9.90 27.66 41.50
N THR A 207 -10.93 27.25 42.25
CA THR A 207 -10.70 26.21 43.25
C THR A 207 -10.51 24.85 42.60
N ASP A 208 -11.11 24.64 41.42
CA ASP A 208 -11.15 23.34 40.78
C ASP A 208 -10.83 23.48 39.30
N TRP A 209 -9.61 23.89 39.00
CA TRP A 209 -9.18 24.13 37.63
C TRP A 209 -8.72 22.80 37.03
N CYS A 210 -9.46 22.30 36.04
CA CYS A 210 -9.21 21.03 35.41
C CYS A 210 -8.49 21.20 34.07
N ARG A 211 -7.35 20.51 33.93
CA ARG A 211 -6.61 20.42 32.69
C ARG A 211 -6.30 18.96 32.40
N CYS A 212 -6.52 18.56 31.16
CA CYS A 212 -6.25 17.20 30.73
C CYS A 212 -5.16 17.24 29.66
N SER A 213 -4.84 16.05 29.16
CA SER A 213 -3.75 15.85 28.22
C SER A 213 -4.09 16.34 26.83
N CYS A 214 -3.04 16.58 26.04
CA CYS A 214 -3.15 16.86 24.60
CA CYS A 214 -3.21 16.85 24.61
C CYS A 214 -3.71 18.26 24.31
N LEU A 215 -3.44 19.22 25.19
CA LEU A 215 -3.90 20.61 24.94
C LEU A 215 -2.79 21.42 24.27
N PRO A 216 -3.18 22.34 23.35
CA PRO A 216 -4.55 22.60 22.88
C PRO A 216 -5.12 21.47 22.04
N ASP A 217 -4.26 20.77 21.31
CA ASP A 217 -4.66 19.59 20.57
C ASP A 217 -3.40 18.81 20.21
N PRO A 218 -3.52 17.57 19.74
CA PRO A 218 -2.31 16.74 19.63
C PRO A 218 -1.29 17.30 18.65
N ILE A 219 -1.71 18.01 17.61
CA ILE A 219 -0.77 18.59 16.66
C ILE A 219 0.02 19.74 17.30
N THR A 220 -0.65 20.62 18.04
CA THR A 220 -0.03 21.79 18.64
C THR A 220 0.24 21.63 20.13
N ALA A 221 0.15 20.41 20.67
CA ALA A 221 0.25 20.19 22.11
C ALA A 221 1.44 20.91 22.73
N TYR A 222 1.18 21.61 23.84
CA TYR A 222 2.26 22.14 24.69
C TYR A 222 3.28 21.07 25.01
N ASP A 223 2.82 19.96 25.63
CA ASP A 223 3.68 18.90 26.14
C ASP A 223 3.38 17.58 25.43
N PRO A 224 4.07 17.28 24.32
CA PRO A 224 3.80 16.01 23.63
C PRO A 224 4.02 14.80 24.51
N ARG A 225 4.98 14.87 25.43
CA ARG A 225 5.29 13.73 26.26
C ARG A 225 4.06 13.24 27.03
N SER A 226 3.17 14.15 27.43
CA SER A 226 2.01 13.76 28.22
C SER A 226 0.78 13.51 27.37
N CYS A 227 0.89 13.66 26.05
CA CYS A 227 -0.19 13.34 25.14
C CYS A 227 -0.01 11.91 24.64
N SER A 228 -1.03 11.08 24.80
CA SER A 228 -0.89 9.68 24.44
C SER A 228 -0.94 9.45 22.94
N GLN A 229 -1.38 10.45 22.18
CA GLN A 229 -1.33 10.39 20.73
C GLN A 229 0.07 10.81 20.29
N LYS A 230 0.76 9.91 19.59
CA LYS A 230 2.16 10.10 19.26
C LYS A 230 2.34 10.29 17.76
N LYS A 231 3.09 11.31 17.38
CA LYS A 231 3.35 11.55 15.97
C LYS A 231 3.99 10.32 15.35
N SER A 232 3.55 9.98 14.13
CA SER A 232 4.17 8.90 13.37
C SER A 232 4.19 9.22 11.89
N LEU A 233 5.37 9.16 11.30
CA LEU A 233 5.54 9.18 9.86
C LEU A 233 5.25 7.81 9.30
N VAL A 234 4.59 7.74 8.14
CA VAL A 234 4.34 6.46 7.52
C VAL A 234 5.66 5.89 7.02
N GLY A 235 5.93 4.64 7.34
CA GLY A 235 7.02 3.95 6.69
C GLY A 235 6.59 3.33 5.39
N VAL A 236 7.56 2.83 4.64
CA VAL A 236 7.25 2.08 3.41
C VAL A 236 6.27 0.97 3.72
N GLY A 237 5.21 0.89 2.91
CA GLY A 237 4.21 -0.16 3.03
C GLY A 237 3.11 0.10 4.04
N GLU A 238 3.18 1.21 4.76
CA GLU A 238 2.22 1.50 5.83
C GLU A 238 1.18 2.54 5.41
N HIS A 239 0.07 2.52 6.12
CA HIS A 239 -0.96 3.54 6.03
C HIS A 239 -0.91 4.44 7.26
N CYS A 240 -1.52 5.61 7.10
CA CYS A 240 -1.63 6.57 8.19
C CYS A 240 -2.13 5.88 9.45
N ALA A 241 -1.40 6.06 10.55
CA ALA A 241 -1.80 5.44 11.81
C ALA A 241 -3.10 6.03 12.37
N GLY A 242 -3.46 7.25 11.99
CA GLY A 242 -4.66 7.88 12.50
C GLY A 242 -4.59 9.39 12.52
N PHE A 243 -5.73 10.01 12.28
CA PHE A 243 -5.90 11.42 12.56
C PHE A 243 -5.80 11.66 14.07
N GLY A 244 -5.11 12.74 14.44
CA GLY A 244 -5.18 13.20 15.82
C GLY A 244 -6.60 13.62 16.17
N VAL A 245 -6.99 13.38 17.42
CA VAL A 245 -8.33 13.72 17.89
CA VAL A 245 -8.33 13.72 17.89
C VAL A 245 -8.23 14.78 18.97
N ASP A 246 -9.00 15.86 18.81
CA ASP A 246 -9.15 16.84 19.87
C ASP A 246 -9.91 16.18 21.01
N GLU A 247 -9.22 15.87 22.11
CA GLU A 247 -9.86 15.11 23.18
C GLU A 247 -10.95 15.90 23.90
N GLU A 248 -10.95 17.25 23.79
CA GLU A 248 -12.04 18.07 24.30
C GLU A 248 -13.34 17.89 23.53
N LYS A 249 -13.32 17.14 22.44
CA LYS A 249 -14.53 16.82 21.69
C LYS A 249 -14.85 15.33 21.72
N CYS A 250 -14.32 14.61 22.70
CA CYS A 250 -14.68 13.22 22.93
C CYS A 250 -15.38 13.10 24.26
N GLY A 251 -16.56 12.48 24.25
CA GLY A 251 -17.43 12.46 25.40
C GLY A 251 -18.40 13.62 25.34
N VAL A 252 -19.18 13.74 26.39
CA VAL A 252 -20.13 14.84 26.51
C VAL A 252 -19.94 15.49 27.86
N LEU A 253 -20.27 16.78 27.94
CA LEU A 253 -20.24 17.48 29.20
C LEU A 253 -21.20 16.84 30.18
N ASP A 254 -20.69 16.47 31.35
CA ASP A 254 -21.44 15.76 32.39
C ASP A 254 -21.86 14.36 31.95
N GLY A 255 -21.18 13.79 30.96
CA GLY A 255 -21.45 12.41 30.58
C GLY A 255 -21.04 11.45 31.69
N SER A 256 -21.93 10.52 32.01
CA SER A 256 -21.66 9.56 33.07
C SER A 256 -21.24 8.22 32.49
N TYR A 257 -21.19 7.20 33.33
CA TYR A 257 -20.74 5.90 32.86
C TYR A 257 -21.77 5.22 31.95
N ASN A 258 -22.96 5.80 31.76
CA ASN A 258 -23.94 5.22 30.86
CA ASN A 258 -23.99 5.28 30.88
C ASN A 258 -23.79 5.70 29.42
N VAL A 259 -22.80 6.52 29.11
CA VAL A 259 -22.52 6.94 27.75
C VAL A 259 -21.16 6.40 27.36
N SER A 260 -21.09 5.77 26.19
CA SER A 260 -19.83 5.22 25.70
C SER A 260 -18.98 6.32 25.08
N CYS A 261 -17.66 6.21 25.26
CA CYS A 261 -16.75 7.25 24.81
C CYS A 261 -16.74 7.35 23.28
N LEU A 262 -17.07 8.54 22.79
CA LEU A 262 -17.26 8.73 21.37
C LEU A 262 -16.82 10.14 21.00
N CYS A 263 -16.02 10.25 19.94
CA CYS A 263 -15.57 11.53 19.42
C CYS A 263 -16.46 11.96 18.26
N SER A 264 -16.85 13.22 18.27
CA SER A 264 -17.62 13.80 17.17
C SER A 264 -16.75 13.93 15.91
N THR A 265 -17.43 14.01 14.76
CA THR A 265 -16.70 13.98 13.49
C THR A 265 -15.65 15.08 13.41
N ASP A 266 -15.99 16.27 13.90
CA ASP A 266 -15.06 17.40 13.82
C ASP A 266 -13.93 17.31 14.84
N ALA A 267 -13.92 16.30 15.70
CA ALA A 267 -12.78 16.11 16.61
C ALA A 267 -11.54 15.56 15.88
N PHE A 268 -11.68 15.01 14.68
CA PHE A 268 -10.56 14.40 14.00
C PHE A 268 -9.86 15.46 13.14
N LEU A 269 -8.60 15.72 13.45
CA LEU A 269 -7.85 16.86 12.95
C LEU A 269 -6.76 16.46 11.95
N GLY A 270 -6.15 17.48 11.36
CA GLY A 270 -4.90 17.32 10.65
C GLY A 270 -5.02 16.58 9.34
N TRP A 271 -6.10 16.80 8.62
CA TRP A 271 -6.28 16.29 7.26
C TRP A 271 -6.91 17.37 6.40
N SER A 272 -6.85 17.17 5.10
CA SER A 272 -7.50 18.11 4.20
C SER A 272 -7.80 17.36 2.90
N TYR A 273 -8.06 18.10 1.83
CA TYR A 273 -8.52 17.47 0.61
C TYR A 273 -8.39 18.45 -0.54
N ASP A 274 -8.47 17.92 -1.75
CA ASP A 274 -8.43 18.72 -2.95
C ASP A 274 -8.96 17.88 -4.09
N THR A 275 -9.45 18.56 -5.12
CA THR A 275 -9.90 17.81 -6.30
C THR A 275 -8.69 17.19 -6.99
N CYS A 276 -8.95 16.11 -7.70
CA CYS A 276 -7.95 15.48 -8.57
C CYS A 276 -8.15 15.83 -10.03
N VAL A 277 -9.10 16.70 -10.33
CA VAL A 277 -9.53 16.96 -11.70
C VAL A 277 -8.70 18.07 -12.30
N SER A 278 -8.25 17.85 -13.52
CA SER A 278 -7.74 18.89 -14.39
C SER A 278 -7.99 18.41 -15.82
N ASN A 279 -8.37 19.35 -16.70
CA ASN A 279 -8.79 19.03 -18.05
C ASN A 279 -9.88 17.95 -18.06
N ASN A 280 -10.82 18.07 -17.12
CA ASN A 280 -11.95 17.16 -16.98
C ASN A 280 -11.54 15.69 -16.81
N ARG A 281 -10.32 15.43 -16.33
CA ARG A 281 -9.89 14.08 -16.01
C ARG A 281 -9.29 14.06 -14.60
N CYS A 282 -9.49 12.93 -13.91
CA CYS A 282 -8.93 12.73 -12.58
CA CYS A 282 -8.92 12.78 -12.58
C CYS A 282 -7.52 12.20 -12.72
N ASN A 283 -6.56 12.89 -12.12
CA ASN A 283 -5.18 12.47 -12.19
C ASN A 283 -4.89 11.46 -11.09
N ILE A 284 -4.10 10.45 -11.42
CA ILE A 284 -3.92 9.27 -10.60
C ILE A 284 -2.45 8.89 -10.64
N PHE A 285 -1.96 8.40 -9.50
CA PHE A 285 -0.60 7.91 -9.36
C PHE A 285 -0.61 6.40 -9.14
N SER A 286 0.41 5.75 -9.69
CA SER A 286 0.60 4.32 -9.43
C SER A 286 2.09 4.04 -9.36
N ASN A 287 2.45 3.22 -8.39
CA ASN A 287 3.83 2.81 -8.17
C ASN A 287 3.95 1.33 -8.50
N PHE A 288 5.01 0.98 -9.21
CA PHE A 288 5.29 -0.39 -9.62
C PHE A 288 6.53 -0.83 -8.85
N ILE A 289 6.40 -1.91 -8.08
CA ILE A 289 7.56 -2.54 -7.47
C ILE A 289 7.87 -3.78 -8.31
N LEU A 290 9.07 -3.85 -8.87
CA LEU A 290 9.49 -4.97 -9.71
C LEU A 290 10.36 -5.90 -8.87
N ASN A 291 9.79 -7.05 -8.47
CA ASN A 291 10.53 -8.01 -7.66
C ASN A 291 11.16 -9.09 -8.52
N GLY A 292 12.47 -9.28 -8.35
CA GLY A 292 13.12 -10.46 -8.87
C GLY A 292 13.28 -10.48 -10.38
N ILE A 293 13.83 -9.40 -10.95
CA ILE A 293 14.11 -9.34 -12.38
C ILE A 293 14.87 -10.59 -12.83
N ASN A 294 14.48 -11.12 -13.99
CA ASN A 294 15.12 -12.29 -14.59
C ASN A 294 14.94 -13.51 -13.68
N SER A 295 13.70 -13.70 -13.26
CA SER A 295 13.27 -14.86 -12.49
C SER A 295 11.75 -14.80 -12.45
N GLY A 296 11.14 -15.90 -12.07
CA GLY A 296 9.72 -15.94 -11.89
C GLY A 296 8.96 -16.11 -13.19
N THR A 297 7.64 -16.01 -13.06
CA THR A 297 6.74 -16.26 -14.19
C THR A 297 5.77 -15.10 -14.41
N THR A 298 6.12 -13.89 -13.97
CA THR A 298 5.40 -12.67 -14.33
C THR A 298 6.21 -12.06 -15.45
N CYS A 299 5.79 -12.32 -16.69
CA CYS A 299 6.63 -12.09 -17.85
CA CYS A 299 6.60 -12.14 -17.88
C CYS A 299 5.94 -11.15 -18.82
N SER A 300 6.74 -10.30 -19.45
CA SER A 300 6.25 -9.40 -20.49
C SER A 300 6.11 -10.16 -21.81
N ASN A 301 4.98 -9.94 -22.49
CA ASN A 301 4.75 -10.47 -23.83
C ASN A 301 4.95 -9.43 -24.92
N ASP A 302 5.67 -8.34 -24.61
CA ASP A 302 5.85 -7.26 -25.58
C ASP A 302 6.73 -7.69 -26.74
N LEU A 303 7.59 -8.69 -26.56
CA LEU A 303 8.52 -9.17 -27.58
C LEU A 303 8.20 -10.61 -27.98
N LEU A 304 8.50 -10.92 -29.24
CA LEU A 304 8.56 -12.30 -29.71
C LEU A 304 9.89 -12.88 -29.24
N GLN A 305 9.88 -13.52 -28.08
CA GLN A 305 11.10 -14.09 -27.54
C GLN A 305 11.59 -15.22 -28.45
N PRO A 306 12.69 -15.04 -29.19
CA PRO A 306 13.19 -16.16 -29.99
C PRO A 306 13.79 -17.23 -29.10
N ASN A 307 13.17 -18.40 -29.06
CA ASN A 307 13.60 -19.43 -28.12
C ASN A 307 14.96 -19.98 -28.53
N THR A 308 15.88 -20.02 -27.57
CA THR A 308 17.23 -20.45 -27.85
C THR A 308 17.34 -21.97 -27.77
N GLU A 309 18.53 -22.47 -28.06
CA GLU A 309 18.78 -23.91 -28.04
C GLU A 309 18.76 -24.42 -26.60
N VAL A 310 18.45 -25.70 -26.46
CA VAL A 310 18.77 -26.41 -25.22
C VAL A 310 20.20 -26.89 -25.38
N PHE A 311 21.14 -26.14 -24.82
CA PHE A 311 22.54 -26.57 -24.86
C PHE A 311 22.70 -27.86 -24.07
N THR A 312 23.21 -28.89 -24.73
CA THR A 312 23.39 -30.20 -24.12
C THR A 312 24.86 -30.44 -23.81
N ASP A 313 25.09 -31.41 -22.92
CA ASP A 313 26.42 -31.97 -22.67
C ASP A 313 27.34 -30.98 -21.98
N VAL A 314 26.77 -30.03 -21.24
CA VAL A 314 27.56 -28.98 -20.63
C VAL A 314 26.79 -28.42 -19.44
N CYS A 315 27.49 -28.21 -18.32
CA CYS A 315 26.85 -27.63 -17.15
C CYS A 315 26.29 -26.25 -17.48
N VAL A 316 25.01 -26.06 -17.19
CA VAL A 316 24.26 -24.90 -17.64
C VAL A 316 23.31 -24.49 -16.53
N ASP A 317 23.19 -23.18 -16.31
CA ASP A 317 22.16 -22.67 -15.45
C ASP A 317 20.86 -22.56 -16.24
N TYR A 318 19.75 -22.92 -15.59
CA TYR A 318 18.48 -22.98 -16.29
C TYR A 318 17.39 -22.35 -15.44
N ASP A 319 16.31 -21.99 -16.10
CA ASP A 319 15.11 -21.43 -15.47
C ASP A 319 13.93 -22.02 -16.24
N LEU A 320 13.37 -23.12 -15.73
CA LEU A 320 12.42 -23.94 -16.48
C LEU A 320 11.06 -23.88 -15.82
N TYR A 321 10.11 -23.26 -16.50
CA TYR A 321 8.72 -23.16 -16.05
C TYR A 321 8.67 -22.67 -14.60
N GLY A 322 9.49 -21.65 -14.31
CA GLY A 322 9.55 -21.05 -12.99
C GLY A 322 10.62 -21.59 -12.08
N ILE A 323 11.18 -22.78 -12.37
CA ILE A 323 12.09 -23.47 -11.47
C ILE A 323 13.53 -23.28 -11.97
N THR A 324 14.42 -22.87 -11.07
CA THR A 324 15.79 -22.57 -11.42
C THR A 324 16.74 -23.64 -10.91
N GLY A 325 17.94 -23.63 -11.46
CA GLY A 325 18.95 -24.60 -11.10
C GLY A 325 20.04 -24.62 -12.13
N GLN A 326 20.96 -25.56 -11.95
CA GLN A 326 22.01 -25.81 -12.92
C GLN A 326 22.19 -27.31 -13.10
N GLY A 327 22.51 -27.70 -14.33
CA GLY A 327 22.71 -29.10 -14.63
C GLY A 327 23.17 -29.29 -16.07
N ILE A 328 23.45 -30.55 -16.39
CA ILE A 328 23.87 -30.97 -17.73
C ILE A 328 22.68 -31.62 -18.40
N PHE A 329 22.24 -31.05 -19.52
CA PHE A 329 21.13 -31.59 -20.28
C PHE A 329 21.64 -32.62 -21.29
N LYS A 330 20.97 -33.78 -21.33
CA LYS A 330 21.20 -34.78 -22.37
C LYS A 330 19.85 -35.17 -22.98
N GLU A 331 19.72 -34.97 -24.28
CA GLU A 331 18.48 -35.34 -24.95
C GLU A 331 18.30 -36.85 -24.92
N VAL A 332 17.04 -37.28 -24.83
CA VAL A 332 16.69 -38.68 -24.73
C VAL A 332 15.43 -38.89 -25.58
N SER A 333 15.35 -40.07 -26.19
CA SER A 333 14.13 -40.45 -26.87
C SER A 333 12.96 -40.50 -25.87
N ALA A 334 11.75 -40.27 -26.38
CA ALA A 334 10.59 -40.13 -25.52
C ALA A 334 10.39 -41.30 -24.57
N VAL A 335 10.78 -42.52 -24.97
CA VAL A 335 10.45 -43.69 -24.15
C VAL A 335 11.11 -43.60 -22.78
N TYR A 336 12.22 -42.88 -22.66
CA TYR A 336 12.95 -42.80 -21.41
C TYR A 336 12.49 -41.65 -20.53
N TYR A 337 11.51 -40.88 -20.97
CA TYR A 337 10.97 -39.76 -20.20
C TYR A 337 9.77 -40.27 -19.39
N ASN A 338 10.03 -40.67 -18.14
CA ASN A 338 9.04 -41.35 -17.30
C ASN A 338 8.08 -40.40 -16.58
N SER A 339 7.37 -39.56 -17.35
CA SER A 339 6.21 -38.86 -16.83
C SER A 339 5.49 -38.16 -17.98
N TRP A 340 4.34 -37.55 -17.67
CA TRP A 340 3.52 -36.84 -18.64
C TRP A 340 3.64 -35.32 -18.51
N GLN A 341 4.32 -34.83 -17.48
CA GLN A 341 4.46 -33.39 -17.25
C GLN A 341 5.68 -32.85 -18.02
N ASN A 342 5.82 -31.52 -17.98
CA ASN A 342 6.93 -30.86 -18.63
C ASN A 342 8.19 -30.84 -17.78
N LEU A 343 8.09 -31.25 -16.51
CA LEU A 343 9.23 -31.44 -15.63
C LEU A 343 9.15 -32.80 -14.95
N LEU A 344 10.33 -33.34 -14.63
CA LEU A 344 10.47 -34.68 -14.08
C LEU A 344 11.29 -34.59 -12.80
N TYR A 345 10.79 -35.22 -11.73
CA TYR A 345 11.37 -35.08 -10.40
C TYR A 345 11.82 -36.43 -9.85
N ASP A 346 12.86 -36.41 -9.03
CA ASP A 346 13.34 -37.60 -8.36
C ASP A 346 12.57 -37.81 -7.05
N SER A 347 13.09 -38.69 -6.19
CA SER A 347 12.40 -38.97 -4.93
C SER A 347 12.60 -37.83 -3.93
N ASN A 348 13.78 -37.22 -3.93
CA ASN A 348 14.09 -36.14 -3.01
C ASN A 348 13.56 -34.78 -3.48
N GLY A 349 12.83 -34.73 -4.60
CA GLY A 349 12.24 -33.50 -5.08
C GLY A 349 13.05 -32.72 -6.10
N ASN A 350 14.20 -33.24 -6.53
CA ASN A 350 15.07 -32.52 -7.44
C ASN A 350 14.70 -32.80 -8.89
N ILE A 351 14.80 -31.76 -9.73
CA ILE A 351 14.51 -31.91 -11.16
C ILE A 351 15.56 -32.80 -11.80
N ILE A 352 15.12 -33.85 -12.48
CA ILE A 352 16.00 -34.75 -13.21
C ILE A 352 15.67 -34.81 -14.70
N GLY A 353 14.71 -34.01 -15.18
CA GLY A 353 14.24 -34.13 -16.54
C GLY A 353 13.34 -32.98 -16.93
N PHE A 354 13.16 -32.84 -18.24
CA PHE A 354 12.49 -31.68 -18.78
C PHE A 354 11.96 -32.01 -20.16
N LYS A 355 10.72 -31.56 -20.42
CA LYS A 355 10.13 -31.63 -21.75
C LYS A 355 9.91 -30.22 -22.29
N ASP A 356 10.43 -29.97 -23.47
CA ASP A 356 10.43 -28.64 -24.07
C ASP A 356 9.17 -28.48 -24.91
N PHE A 357 8.29 -27.56 -24.51
CA PHE A 357 7.05 -27.37 -25.24
C PHE A 357 7.28 -26.82 -26.63
N VAL A 358 8.42 -26.14 -26.86
CA VAL A 358 8.66 -25.54 -28.17
C VAL A 358 8.96 -26.63 -29.21
N THR A 359 9.72 -27.65 -28.82
CA THR A 359 10.17 -28.69 -29.73
C THR A 359 9.58 -30.07 -29.43
N ASN A 360 8.93 -30.24 -28.28
CA ASN A 360 8.48 -31.53 -27.76
C ASN A 360 9.63 -32.47 -27.46
N LYS A 361 10.86 -31.97 -27.43
CA LYS A 361 11.99 -32.82 -27.13
C LYS A 361 12.07 -33.03 -25.63
N THR A 362 12.57 -34.19 -25.25
CA THR A 362 12.74 -34.59 -23.87
C THR A 362 14.21 -34.72 -23.53
N TYR A 363 14.54 -34.37 -22.30
CA TYR A 363 15.91 -34.32 -21.82
C TYR A 363 15.98 -34.88 -20.42
N ASN A 364 17.09 -35.57 -20.13
CA ASN A 364 17.51 -35.80 -18.77
C ASN A 364 18.32 -34.59 -18.30
N ILE A 365 18.26 -34.34 -17.00
CA ILE A 365 19.10 -33.31 -16.38
C ILE A 365 19.91 -33.99 -15.29
N PHE A 366 21.24 -33.86 -15.37
CA PHE A 366 22.16 -34.39 -14.37
C PHE A 366 22.86 -33.25 -13.65
N PRO A 367 23.29 -33.46 -12.41
CA PRO A 367 24.03 -32.41 -11.70
C PRO A 367 25.42 -32.22 -12.28
N CYS A 368 25.96 -31.02 -12.05
CA CYS A 368 27.24 -30.63 -12.65
C CYS A 368 28.45 -31.27 -11.97
C1 NAG B . -19.20 7.38 -18.31
C2 NAG B . -19.51 6.13 -19.13
C3 NAG B . -20.38 6.49 -20.33
C4 NAG B . -21.62 7.25 -19.89
C5 NAG B . -21.23 8.46 -19.05
C6 NAG B . -22.42 9.22 -18.49
C7 NAG B . -17.97 4.22 -19.21
C8 NAG B . -16.67 3.69 -19.75
N2 NAG B . -18.28 5.47 -19.56
O3 NAG B . -20.74 5.29 -21.02
O4 NAG B . -22.35 7.68 -21.03
O5 NAG B . -20.43 8.04 -17.93
O6 NAG B . -22.64 8.92 -17.12
O7 NAG B . -18.70 3.53 -18.50
H1 NAG B . -18.65 7.99 -18.85
H2 NAG B . -20.01 5.51 -18.56
H3 NAG B . -19.86 7.05 -20.93
H4 NAG B . -22.18 6.66 -19.35
H5 NAG B . -20.70 9.07 -19.60
H61 NAG B . -22.25 10.18 -18.59
H62 NAG B . -23.21 8.98 -18.99
H81 NAG B . -15.94 4.25 -19.44
H82 NAG B . -16.54 2.78 -19.44
H83 NAG B . -16.70 3.70 -20.73
HN2 NAG B . -17.71 5.92 -20.09
HO3 NAG B . -20.75 5.45 -21.90
HO4 NAG B . -23.06 7.16 -21.14
HO6 NAG B . -23.21 9.52 -16.78
C1 NAG C . 0.07 3.00 26.81
C2 NAG C . 0.36 1.89 27.83
C3 NAG C . -0.01 2.36 29.22
C4 NAG C . 0.73 3.64 29.56
C5 NAG C . 0.52 4.70 28.48
C6 NAG C . 1.39 5.91 28.68
C7 NAG C . 0.29 -0.40 26.92
C8 NAG C . -0.56 -1.60 26.67
N2 NAG C . -0.32 0.64 27.49
O3 NAG C . 0.27 1.33 30.18
O4 NAG C . 0.28 4.14 30.80
O5 NAG C . 0.82 4.18 27.16
O6 NAG C . 0.83 6.79 29.65
O7 NAG C . 1.48 -0.36 26.61
H1 NAG C . -0.89 3.20 26.83
H2 NAG C . 1.32 1.72 27.81
H3 NAG C . -0.97 2.54 29.25
H4 NAG C . 1.69 3.44 29.62
H5 NAG C . -0.42 4.98 28.49
H61 NAG C . 1.47 6.40 27.84
H62 NAG C . 2.28 5.63 28.97
H81 NAG C . -0.92 -1.93 27.51
H82 NAG C . -1.30 -1.37 26.08
H83 NAG C . -0.02 -2.30 26.25
HN2 NAG C . -1.21 0.57 27.71
HO3 NAG C . -0.24 1.44 30.89
HO4 NAG C . 0.89 3.98 31.44
HO6 NAG C . 1.07 7.62 29.48
C1 NAG D . -22.41 17.26 4.23
C2 NAG D . -23.50 17.48 5.29
C3 NAG D . -24.55 18.47 4.79
C4 NAG D . -23.88 19.77 4.34
C5 NAG D . -22.79 19.48 3.30
C6 NAG D . -22.01 20.71 2.91
C7 NAG D . -23.80 15.52 6.75
C8 NAG D . -24.55 14.25 6.96
N2 NAG D . -24.12 16.21 5.65
O3 NAG D . -25.48 18.74 5.82
O4 NAG D . -24.84 20.65 3.79
O5 NAG D . -21.84 18.54 3.84
O6 NAG D . -21.18 20.45 1.78
O7 NAG D . -22.94 15.93 7.53
H1 NAG D . -22.80 16.83 3.45
H2 NAG D . -23.08 17.86 6.08
H3 NAG D . -25.01 18.08 4.02
H4 NAG D . -23.46 20.19 5.11
H5 NAG D . -23.20 19.09 2.50
H61 NAG D . -22.63 21.43 2.70
H62 NAG D . -21.44 20.98 3.66
H81 NAG D . -25.50 14.43 7.03
H82 NAG D . -24.24 13.82 7.78
H83 NAG D . -24.39 13.65 6.21
HN2 NAG D . -24.76 15.88 5.10
HO3 NAG D . -26.30 18.75 5.48
HO4 NAG D . -25.00 21.31 4.36
HO6 NAG D . -20.88 21.22 1.46
C1 NAG E . 1.62 -7.47 -26.67
C2 NAG E . 0.34 -8.05 -27.27
C3 NAG E . 0.65 -8.83 -28.55
C4 NAG E . 1.45 -7.96 -29.53
C5 NAG E . 2.68 -7.38 -28.83
C6 NAG E . 3.47 -6.45 -29.72
C7 NAG E . -1.29 -8.48 -25.48
C8 NAG E . -1.89 -9.50 -24.57
N2 NAG E . -0.33 -8.92 -26.31
O3 NAG E . -0.57 -9.23 -29.16
O4 NAG E . 1.86 -8.75 -30.64
O5 NAG E . 2.29 -6.65 -27.66
O6 NAG E . 2.63 -5.47 -30.31
O7 NAG E . -1.65 -7.30 -25.47
H1 NAG E . 2.22 -8.19 -26.41
H2 NAG E . -0.26 -7.32 -27.50
H3 NAG E . 1.17 -9.62 -28.33
H4 NAG E . 0.88 -7.24 -29.84
H5 NAG E . 3.26 -8.12 -28.55
H61 NAG E . 4.16 -6.00 -29.18
H62 NAG E . 3.90 -6.97 -30.41
H81 NAG E . -2.57 -9.07 -24.01
H82 NAG E . -1.18 -9.87 -24.01
H83 NAG E . -2.29 -10.20 -25.10
HN2 NAG E . -0.12 -9.80 -26.28
HO3 NAG E . -0.54 -10.11 -29.33
HO4 NAG E . 1.30 -8.62 -31.32
HO6 NAG E . 3.13 -4.91 -30.80
#